data_7EF7
#
_entry.id   7EF7
#
_cell.length_a   37.670
_cell.length_b   56.779
_cell.length_c   56.958
_cell.angle_alpha   90.00
_cell.angle_beta   92.92
_cell.angle_gamma   90.00
#
_symmetry.space_group_name_H-M   'P 1 21 1'
#
loop_
_entity.id
_entity.type
_entity.pdbx_description
1 polymer At2g32150/F22D22.10
2 non-polymer 'MAGNESIUM ION'
3 non-polymer "XANTHOSINE-5'-MONOPHOSPHATE"
4 water water
#
_entity_poly.entity_id   1
_entity_poly.type   'polypeptide(L)'
_entity_poly.pdbx_seq_one_letter_code
;MDFSPINCLIFALDDTLYPLKTGIAPAVKKNIDDFLVEKFGFSESKASSLRVELFKTYGSTLAGLRALGHDVHPDEYHSF
VHGRLPYGSIEPNNKLRNLLNKIKQRKIIFTNSDKNHAVKVLKKLGLEDCFEEMICFETMNPNLFGSTTRPDEYPVVLKP
SLTAMDICIRVANVDPRRTVFLDDNIHNITAGKSVGLRTILVGRAEKTKDADYAVETVTEIATAVPEIWATATATGGFDV
GGERIRRSKS
;
_entity_poly.pdbx_strand_id   A
#
# COMPACT_ATOMS: atom_id res chain seq x y z
N PHE A 3 9.23 -23.32 -14.36
CA PHE A 3 9.64 -22.76 -13.07
C PHE A 3 10.08 -21.31 -13.23
N SER A 4 9.47 -20.42 -12.45
CA SER A 4 9.81 -19.01 -12.47
C SER A 4 10.26 -18.59 -11.06
N PRO A 5 11.57 -18.30 -10.90
CA PRO A 5 12.13 -17.91 -9.60
C PRO A 5 11.57 -16.58 -9.13
N ILE A 6 11.63 -16.39 -7.83
CA ILE A 6 11.16 -15.17 -7.18
C ILE A 6 12.37 -14.52 -6.55
N ASN A 7 12.72 -13.31 -6.98
CA ASN A 7 13.88 -12.65 -6.39
C ASN A 7 13.47 -11.47 -5.51
N CYS A 8 12.19 -11.13 -5.51
CA CYS A 8 11.74 -9.91 -4.83
C CYS A 8 10.30 -10.02 -4.41
N LEU A 9 9.98 -9.55 -3.20
CA LEU A 9 8.62 -9.53 -2.71
C LEU A 9 8.27 -8.07 -2.40
N ILE A 10 7.17 -7.60 -2.95
CA ILE A 10 6.71 -6.22 -2.72
C ILE A 10 5.42 -6.25 -1.94
N PHE A 11 5.39 -5.56 -0.79
CA PHE A 11 4.25 -5.62 0.10
C PHE A 11 3.57 -4.27 0.24
N ALA A 12 2.24 -4.24 0.14
CA ALA A 12 1.48 -3.10 0.61
C ALA A 12 1.58 -3.10 2.13
N LEU A 13 1.13 -2.02 2.74
CA LEU A 13 1.23 -1.88 4.21
C LEU A 13 -0.11 -2.07 4.88
N ASP A 14 -1.00 -1.11 4.69
CA ASP A 14 -2.22 -1.08 5.49
C ASP A 14 -3.16 -2.22 5.13
N ASP A 15 -3.49 -3.01 6.15
CA ASP A 15 -4.35 -4.20 6.03
C ASP A 15 -3.77 -5.31 5.17
N THR A 16 -2.46 -5.20 4.92
CA THR A 16 -1.69 -6.29 4.34
C THR A 16 -0.71 -6.86 5.39
N LEU A 17 0.12 -6.00 5.99
CA LEU A 17 1.07 -6.46 7.01
C LEU A 17 0.46 -6.50 8.40
N TYR A 18 -0.71 -5.90 8.57
CA TYR A 18 -1.49 -6.15 9.78
C TYR A 18 -2.89 -6.49 9.32
N PRO A 19 -3.64 -7.24 10.12
CA PRO A 19 -4.98 -7.67 9.68
C PRO A 19 -6.02 -6.55 9.78
N LEU A 20 -7.04 -6.63 8.94
CA LEU A 20 -8.12 -5.63 8.91
C LEU A 20 -8.74 -5.44 10.29
N LYS A 21 -8.85 -6.53 11.06
CA LYS A 21 -9.46 -6.47 12.39
C LYS A 21 -8.73 -5.56 13.36
N THR A 22 -7.50 -5.16 13.03
CA THR A 22 -6.76 -4.21 13.85
C THR A 22 -7.56 -2.96 14.16
N GLY A 23 -8.31 -2.49 13.16
CA GLY A 23 -9.25 -1.40 13.37
C GLY A 23 -8.73 -0.08 12.84
N ILE A 24 -7.63 -0.11 12.11
CA ILE A 24 -7.08 1.15 11.58
C ILE A 24 -7.98 1.68 10.44
N ALA A 25 -8.49 0.77 9.60
CA ALA A 25 -9.28 1.16 8.43
C ALA A 25 -10.49 2.02 8.82
N PRO A 26 -11.30 1.60 9.83
CA PRO A 26 -12.41 2.48 10.22
C PRO A 26 -11.92 3.80 10.79
N ALA A 27 -10.79 3.80 11.49
CA ALA A 27 -10.31 5.05 12.08
C ALA A 27 -9.87 6.01 10.96
N VAL A 28 -9.28 5.47 9.89
CA VAL A 28 -8.89 6.31 8.76
C VAL A 28 -10.11 6.96 8.15
N LYS A 29 -11.15 6.15 7.88
CA LYS A 29 -12.41 6.68 7.34
C LYS A 29 -13.00 7.82 8.21
N LYS A 30 -13.06 7.59 9.52
CA LYS A 30 -13.56 8.62 10.44
C LYS A 30 -12.73 9.88 10.40
N ASN A 31 -11.42 9.72 10.34
CA ASN A 31 -10.52 10.86 10.30
C ASN A 31 -10.64 11.65 9.00
N ILE A 32 -10.78 10.95 7.88
CA ILE A 32 -11.05 11.65 6.62
C ILE A 32 -12.36 12.45 6.71
N ASP A 33 -13.41 11.83 7.23
CA ASP A 33 -14.68 12.55 7.38
C ASP A 33 -14.50 13.78 8.27
N ASP A 34 -13.76 13.63 9.36
CA ASP A 34 -13.56 14.76 10.28
C ASP A 34 -12.74 15.86 9.59
N PHE A 35 -11.81 15.45 8.73
CA PHE A 35 -11.00 16.39 8.00
C PHE A 35 -11.89 17.22 7.05
N LEU A 36 -12.82 16.55 6.37
CA LEU A 36 -13.68 17.20 5.41
C LEU A 36 -14.65 18.13 6.12
N VAL A 37 -15.13 17.69 7.28
CA VAL A 37 -16.01 18.58 8.07
C VAL A 37 -15.24 19.83 8.48
N GLU A 38 -14.01 19.65 8.95
CA GLU A 38 -13.18 20.77 9.37
C GLU A 38 -12.90 21.73 8.23
N LYS A 39 -12.55 21.18 7.07
CA LYS A 39 -12.25 21.96 5.88
C LYS A 39 -13.45 22.71 5.31
N PHE A 40 -14.60 22.04 5.23
CA PHE A 40 -15.67 22.57 4.41
C PHE A 40 -16.97 22.87 5.15
N GLY A 41 -17.03 22.51 6.42
CA GLY A 41 -18.24 22.75 7.20
C GLY A 41 -19.37 21.81 6.80
N PHE A 42 -19.01 20.70 6.14
CA PHE A 42 -19.95 19.65 5.76
C PHE A 42 -20.63 19.04 6.98
N SER A 43 -21.84 18.50 6.80
CA SER A 43 -22.35 17.54 7.79
C SER A 43 -21.51 16.26 7.72
N GLU A 44 -21.60 15.40 8.73
CA GLU A 44 -20.82 14.17 8.72
C GLU A 44 -21.29 13.23 7.61
N SER A 45 -22.60 13.23 7.37
CA SER A 45 -23.20 12.42 6.31
C SER A 45 -22.71 12.85 4.93
N LYS A 46 -22.61 14.15 4.70
CA LYS A 46 -22.13 14.64 3.40
C LYS A 46 -20.63 14.35 3.28
N ALA A 47 -19.90 14.48 4.39
CA ALA A 47 -18.47 14.21 4.41
C ALA A 47 -18.19 12.77 3.97
N SER A 48 -18.92 11.82 4.56
CA SER A 48 -18.71 10.41 4.27
C SER A 48 -19.00 10.12 2.81
N SER A 49 -20.11 10.67 2.33
CA SER A 49 -20.53 10.58 0.93
C SER A 49 -19.43 11.04 -0.02
N LEU A 50 -18.79 12.15 0.32
CA LEU A 50 -17.74 12.71 -0.51
C LEU A 50 -16.49 11.84 -0.44
N ARG A 51 -16.14 11.36 0.75
CA ARG A 51 -14.97 10.52 0.93
C ARG A 51 -15.08 9.30 0.01
N VAL A 52 -16.24 8.64 0.04
CA VAL A 52 -16.39 7.39 -0.72
C VAL A 52 -16.36 7.66 -2.21
N GLU A 53 -16.99 8.76 -2.61
CA GLU A 53 -16.97 9.19 -4.00
C GLU A 53 -15.53 9.41 -4.49
N LEU A 54 -14.75 10.14 -3.70
CA LEU A 54 -13.38 10.52 -4.09
C LEU A 54 -12.44 9.34 -4.03
N PHE A 55 -12.63 8.44 -3.06
CA PHE A 55 -11.83 7.22 -2.95
C PHE A 55 -12.08 6.30 -4.14
N LYS A 56 -13.35 6.15 -4.48
CA LYS A 56 -13.75 5.34 -5.63
C LYS A 56 -13.23 5.87 -6.96
N THR A 57 -13.21 7.19 -7.12
CA THR A 57 -12.84 7.79 -8.40
C THR A 57 -11.32 7.99 -8.54
N TYR A 58 -10.67 8.44 -7.47
CA TYR A 58 -9.27 8.82 -7.52
C TYR A 58 -8.32 7.96 -6.69
N GLY A 59 -8.88 7.01 -5.95
CA GLY A 59 -8.07 6.14 -5.10
C GLY A 59 -7.65 6.75 -3.78
N SER A 60 -8.13 7.96 -3.50
CA SER A 60 -7.66 8.74 -2.38
C SER A 60 -8.48 10.05 -2.26
N THR A 61 -8.98 10.35 -1.06
CA THR A 61 -9.67 11.61 -0.82
C THR A 61 -8.75 12.80 -1.07
N LEU A 62 -7.48 12.68 -0.69
CA LEU A 62 -6.50 13.74 -0.95
C LEU A 62 -6.33 13.97 -2.44
N ALA A 63 -6.18 12.90 -3.19
CA ALA A 63 -6.07 13.03 -4.65
C ALA A 63 -7.30 13.71 -5.23
N GLY A 64 -8.46 13.28 -4.76
CA GLY A 64 -9.73 13.81 -5.21
C GLY A 64 -9.90 15.29 -4.93
N LEU A 65 -9.55 15.75 -3.72
CA LEU A 65 -9.68 17.15 -3.35
C LEU A 65 -8.81 18.03 -4.23
N ARG A 66 -7.59 17.58 -4.50
CA ARG A 66 -6.66 18.34 -5.32
C ARG A 66 -7.11 18.38 -6.78
N ALA A 67 -7.68 17.28 -7.26
CA ALA A 67 -8.23 17.23 -8.62
C ALA A 67 -9.41 18.20 -8.78
N LEU A 68 -10.14 18.42 -7.69
CA LEU A 68 -11.26 19.35 -7.67
C LEU A 68 -10.83 20.80 -7.44
N GLY A 69 -9.54 21.06 -7.46
CA GLY A 69 -9.03 22.41 -7.30
C GLY A 69 -8.65 22.90 -5.92
N HIS A 70 -8.77 22.03 -4.90
CA HIS A 70 -8.44 22.45 -3.55
C HIS A 70 -6.97 22.18 -3.26
N ASP A 71 -6.22 23.22 -2.88
CA ASP A 71 -4.78 23.12 -2.68
C ASP A 71 -4.48 22.63 -1.27
N VAL A 72 -4.74 21.35 -1.04
CA VAL A 72 -4.50 20.73 0.25
C VAL A 72 -3.09 20.15 0.30
N HIS A 73 -2.25 20.61 1.23
CA HIS A 73 -0.89 20.10 1.29
C HIS A 73 -0.90 18.68 1.85
N PRO A 74 -0.18 17.76 1.19
CA PRO A 74 -0.19 16.40 1.71
C PRO A 74 0.14 16.30 3.19
N ASP A 75 1.05 17.14 3.69
CA ASP A 75 1.40 17.07 5.11
C ASP A 75 0.19 17.38 6.00
N GLU A 76 -0.60 18.37 5.62
CA GLU A 76 -1.77 18.73 6.45
C GLU A 76 -2.73 17.56 6.51
N TYR A 77 -2.97 16.96 5.35
CA TYR A 77 -3.86 15.83 5.23
C TYR A 77 -3.37 14.65 6.04
N HIS A 78 -2.13 14.23 5.80
CA HIS A 78 -1.64 13.05 6.50
C HIS A 78 -1.49 13.24 8.00
N SER A 79 -1.19 14.46 8.45
CA SER A 79 -1.08 14.75 9.89
C SER A 79 -2.40 14.52 10.58
N PHE A 80 -3.48 14.93 9.92
CA PHE A 80 -4.81 14.80 10.46
C PHE A 80 -5.27 13.35 10.34
N VAL A 81 -5.18 12.78 9.14
CA VAL A 81 -5.84 11.51 8.84
C VAL A 81 -5.05 10.32 9.39
N HIS A 82 -3.72 10.36 9.27
CA HIS A 82 -2.90 9.30 9.81
C HIS A 82 -2.35 9.66 11.19
N GLY A 83 -1.99 10.92 11.40
CA GLY A 83 -1.42 11.36 12.66
C GLY A 83 -2.30 11.11 13.88
N ARG A 84 -3.62 11.04 13.66
CA ARG A 84 -4.57 10.80 14.73
C ARG A 84 -4.92 9.32 14.98
N LEU A 85 -4.31 8.41 14.23
CA LEU A 85 -4.63 6.97 14.33
C LEU A 85 -4.21 6.33 15.65
N PRO A 86 -4.95 5.29 16.05
CA PRO A 86 -4.64 4.47 17.25
C PRO A 86 -3.52 3.49 16.94
N TYR A 87 -2.29 3.98 16.82
CA TYR A 87 -1.18 3.11 16.46
C TYR A 87 -0.94 2.04 17.50
N GLY A 88 -1.33 2.29 18.74
CA GLY A 88 -1.10 1.30 19.79
C GLY A 88 -1.90 0.03 19.60
N SER A 89 -2.90 0.09 18.73
CA SER A 89 -3.77 -1.03 18.36
C SER A 89 -3.12 -2.01 17.42
N ILE A 90 -2.02 -1.59 16.79
CA ILE A 90 -1.30 -2.48 15.90
C ILE A 90 -0.44 -3.44 16.72
N GLU A 91 -0.71 -4.72 16.56
CA GLU A 91 -0.08 -5.75 17.40
C GLU A 91 1.26 -6.17 16.82
N PRO A 92 2.29 -6.30 17.66
CA PRO A 92 3.52 -6.90 17.12
C PRO A 92 3.22 -8.26 16.57
N ASN A 93 3.97 -8.65 15.54
CA ASN A 93 3.80 -9.95 14.96
C ASN A 93 5.16 -10.60 14.81
N ASN A 94 5.59 -11.34 15.85
CA ASN A 94 6.91 -11.93 15.80
C ASN A 94 7.01 -13.03 14.77
N LYS A 95 5.90 -13.73 14.53
CA LYS A 95 5.84 -14.77 13.52
C LYS A 95 6.19 -14.19 12.14
N LEU A 96 5.63 -13.02 11.87
CA LEU A 96 5.84 -12.35 10.59
C LEU A 96 7.27 -11.85 10.47
N ARG A 97 7.77 -11.26 11.55
CA ARG A 97 9.16 -10.83 11.60
C ARG A 97 10.12 -12.01 11.35
N ASN A 98 9.88 -13.10 12.05
CA ASN A 98 10.69 -14.31 11.87
C ASN A 98 10.66 -14.79 10.42
N LEU A 99 9.46 -14.80 9.84
CA LEU A 99 9.27 -15.20 8.45
C LEU A 99 10.05 -14.31 7.49
N LEU A 100 9.92 -12.99 7.66
CA LEU A 100 10.60 -12.09 6.73
C LEU A 100 12.12 -12.20 6.90
N ASN A 101 12.59 -12.44 8.13
CA ASN A 101 14.02 -12.67 8.34
C ASN A 101 14.51 -13.96 7.66
N LYS A 102 13.66 -14.99 7.61
CA LYS A 102 14.03 -16.26 6.96
C LYS A 102 14.05 -16.14 5.42
N ILE A 103 13.13 -15.32 4.89
CA ILE A 103 13.00 -15.11 3.44
C ILE A 103 14.24 -14.42 2.85
N LYS A 104 14.83 -15.04 1.83
CA LYS A 104 16.07 -14.54 1.26
C LYS A 104 15.87 -13.48 0.17
N GLN A 105 14.68 -13.45 -0.41
CA GLN A 105 14.36 -12.43 -1.40
C GLN A 105 14.45 -11.00 -0.84
N ARG A 106 14.73 -10.06 -1.75
CA ARG A 106 14.55 -8.62 -1.49
C ARG A 106 13.12 -8.36 -1.07
N LYS A 107 12.95 -7.55 -0.03
CA LYS A 107 11.62 -7.15 0.44
C LYS A 107 11.44 -5.66 0.34
N ILE A 108 10.34 -5.25 -0.29
CA ILE A 108 10.04 -3.85 -0.56
C ILE A 108 8.64 -3.47 -0.05
N ILE A 109 8.51 -2.28 0.54
CA ILE A 109 7.23 -1.73 0.90
C ILE A 109 6.71 -0.87 -0.26
N PHE A 110 5.45 -1.04 -0.63
CA PHE A 110 4.81 -0.20 -1.67
C PHE A 110 3.47 0.23 -1.13
N THR A 111 3.41 1.44 -0.57
CA THR A 111 2.22 1.92 0.12
C THR A 111 1.77 3.27 -0.41
N ASN A 112 0.46 3.46 -0.42
CA ASN A 112 -0.11 4.78 -0.71
C ASN A 112 0.04 5.75 0.46
N SER A 113 0.33 5.22 1.66
CA SER A 113 0.49 6.07 2.81
C SER A 113 1.80 6.84 2.78
N ASP A 114 1.88 7.86 3.62
CA ASP A 114 3.10 8.65 3.75
C ASP A 114 4.13 7.88 4.58
N LYS A 115 5.39 8.27 4.40
CA LYS A 115 6.48 7.59 5.07
C LYS A 115 6.33 7.63 6.58
N ASN A 116 5.94 8.77 7.14
CA ASN A 116 5.81 8.87 8.59
C ASN A 116 4.88 7.79 9.15
N HIS A 117 3.73 7.60 8.49
CA HIS A 117 2.77 6.57 8.89
C HIS A 117 3.38 5.19 8.73
N ALA A 118 4.03 4.98 7.61
CA ALA A 118 4.55 3.66 7.28
C ALA A 118 5.57 3.22 8.32
N VAL A 119 6.44 4.15 8.71
CA VAL A 119 7.51 3.84 9.65
C VAL A 119 6.91 3.53 11.01
N LYS A 120 5.90 4.31 11.43
CA LYS A 120 5.27 4.01 12.72
C LYS A 120 4.61 2.64 12.72
N VAL A 121 3.96 2.27 11.64
CA VAL A 121 3.31 0.97 11.53
C VAL A 121 4.33 -0.17 11.60
N LEU A 122 5.42 -0.07 10.84
CA LEU A 122 6.45 -1.12 10.83
C LEU A 122 7.07 -1.29 12.22
N LYS A 123 7.28 -0.16 12.91
CA LYS A 123 7.83 -0.19 14.28
C LYS A 123 6.93 -0.96 15.22
N LYS A 124 5.63 -0.72 15.14
CA LYS A 124 4.69 -1.41 15.99
C LYS A 124 4.73 -2.90 15.71
N LEU A 125 4.80 -3.25 14.43
CA LEU A 125 4.83 -4.65 14.04
C LEU A 125 6.12 -5.30 14.44
N GLY A 126 7.17 -4.50 14.57
CA GLY A 126 8.49 -5.03 14.88
C GLY A 126 9.25 -5.38 13.61
N LEU A 127 8.88 -4.74 12.50
CA LEU A 127 9.44 -5.04 11.19
C LEU A 127 10.38 -3.94 10.67
N GLU A 128 10.81 -3.05 11.57
CA GLU A 128 11.48 -1.83 11.16
C GLU A 128 12.80 -2.04 10.40
N ASP A 129 13.31 -3.27 10.38
CA ASP A 129 14.56 -3.55 9.68
C ASP A 129 14.42 -4.69 8.67
N CYS A 130 13.19 -5.01 8.29
CA CYS A 130 12.94 -6.13 7.42
C CYS A 130 12.91 -5.74 5.94
N PHE A 131 12.79 -4.46 5.63
CA PHE A 131 12.60 -4.06 4.23
C PHE A 131 13.76 -3.24 3.71
N GLU A 132 14.07 -3.45 2.45
CA GLU A 132 15.22 -2.83 1.83
C GLU A 132 14.90 -1.47 1.24
N GLU A 133 13.66 -1.31 0.77
CA GLU A 133 13.21 -0.08 0.12
C GLU A 133 11.76 0.21 0.49
N MET A 134 11.40 1.49 0.52
CA MET A 134 10.01 1.88 0.73
C MET A 134 9.60 2.86 -0.34
N ILE A 135 8.59 2.49 -1.12
CA ILE A 135 7.96 3.40 -2.07
C ILE A 135 6.63 3.82 -1.43
N CYS A 136 6.53 5.08 -1.06
CA CYS A 136 5.36 5.58 -0.36
C CYS A 136 4.77 6.79 -1.08
N PHE A 137 3.83 7.49 -0.42
CA PHE A 137 3.17 8.62 -1.06
C PHE A 137 4.16 9.63 -1.65
N GLU A 138 5.16 10.00 -0.85
CA GLU A 138 6.13 11.01 -1.27
C GLU A 138 6.92 10.56 -2.50
N THR A 139 7.30 9.29 -2.51
CA THR A 139 8.03 8.68 -3.63
C THR A 139 7.28 8.87 -4.92
N MET A 140 5.95 8.69 -4.85
CA MET A 140 5.11 8.77 -6.04
C MET A 140 4.72 10.19 -6.42
N ASN A 141 4.93 11.14 -5.51
CA ASN A 141 4.48 12.51 -5.74
C ASN A 141 5.51 13.56 -5.39
N PRO A 142 6.71 13.46 -5.97
CA PRO A 142 7.81 14.37 -5.60
C PRO A 142 7.46 15.85 -5.75
N ASN A 143 6.59 16.20 -6.70
CA ASN A 143 6.39 17.61 -7.00
C ASN A 143 5.31 18.31 -6.16
N LEU A 144 4.84 17.65 -5.12
CA LEU A 144 3.86 18.24 -4.20
C LEU A 144 4.57 18.84 -3.00
N PHE A 145 5.89 18.72 -2.97
CA PHE A 145 6.65 19.26 -1.86
C PHE A 145 7.59 20.38 -2.29
N GLY A 146 7.64 21.43 -1.47
CA GLY A 146 8.49 22.57 -1.71
C GLY A 146 8.05 23.45 -2.87
N SER A 147 8.20 22.96 -4.09
CA SER A 147 7.92 23.77 -5.26
C SER A 147 6.41 24.01 -5.44
N THR A 148 6.00 25.26 -5.23
CA THR A 148 4.59 25.65 -5.34
C THR A 148 3.97 25.26 -6.69
N THR A 149 2.77 24.67 -6.64
CA THR A 149 2.06 24.30 -7.86
C THR A 149 0.56 24.54 -7.71
N ARG A 150 -0.10 24.82 -8.83
CA ARG A 150 -1.54 24.74 -8.91
C ARG A 150 -1.94 23.29 -8.69
N PRO A 151 -3.08 23.06 -8.03
CA PRO A 151 -3.44 21.66 -7.68
C PRO A 151 -3.61 20.71 -8.89
N ASP A 152 -3.78 21.24 -10.09
CA ASP A 152 -3.99 20.39 -11.27
C ASP A 152 -2.67 20.12 -12.00
N GLU A 153 -1.61 20.78 -11.54
CA GLU A 153 -0.32 20.73 -12.22
C GLU A 153 0.36 19.37 -12.14
N TYR A 154 0.37 18.81 -10.93
CA TYR A 154 0.94 17.48 -10.70
C TYR A 154 -0.08 16.61 -9.97
N PRO A 155 -1.02 16.04 -10.71
CA PRO A 155 -2.12 15.25 -10.14
C PRO A 155 -1.55 14.15 -9.26
N VAL A 156 -2.20 13.86 -8.15
CA VAL A 156 -1.68 12.88 -7.21
C VAL A 156 -1.62 11.52 -7.85
N VAL A 157 -0.45 10.89 -7.74
CA VAL A 157 -0.18 9.56 -8.27
C VAL A 157 -0.19 8.56 -7.13
N LEU A 158 -1.08 7.58 -7.21
CA LEU A 158 -1.20 6.50 -6.21
C LEU A 158 -1.68 5.19 -6.83
N LYS A 159 -1.46 4.09 -6.11
CA LYS A 159 -2.07 2.83 -6.50
C LYS A 159 -3.55 3.09 -6.54
N PRO A 160 -4.29 2.52 -7.52
CA PRO A 160 -3.93 1.49 -8.49
C PRO A 160 -3.43 2.03 -9.84
N SER A 161 -3.02 3.28 -9.90
CA SER A 161 -2.58 3.83 -11.19
C SER A 161 -1.38 3.05 -11.71
N LEU A 162 -1.31 2.88 -13.03
CA LEU A 162 -0.18 2.19 -13.60
C LEU A 162 1.07 3.04 -13.50
N THR A 163 0.88 4.35 -13.41
CA THR A 163 1.97 5.28 -13.16
C THR A 163 2.60 4.96 -11.80
N ALA A 164 1.76 4.68 -10.80
CA ALA A 164 2.28 4.29 -9.49
C ALA A 164 3.08 3.00 -9.59
N MET A 165 2.53 2.00 -10.27
CA MET A 165 3.23 0.72 -10.42
C MET A 165 4.63 0.91 -11.02
N ASP A 166 4.69 1.72 -12.07
CA ASP A 166 5.95 1.95 -12.77
C ASP A 166 6.96 2.64 -11.84
N ILE A 167 6.48 3.59 -11.03
CA ILE A 167 7.38 4.24 -10.11
C ILE A 167 8.01 3.22 -9.13
N CYS A 168 7.19 2.31 -8.60
CA CYS A 168 7.67 1.26 -7.70
C CYS A 168 8.73 0.43 -8.40
N ILE A 169 8.43 0.07 -9.64
CA ILE A 169 9.31 -0.86 -10.35
C ILE A 169 10.65 -0.21 -10.69
N ARG A 170 10.63 1.06 -11.08
CA ARG A 170 11.85 1.79 -11.39
C ARG A 170 12.68 2.09 -10.13
N VAL A 171 12.05 2.62 -9.09
CA VAL A 171 12.79 2.98 -7.89
C VAL A 171 13.40 1.72 -7.24
N ALA A 172 12.65 0.63 -7.22
CA ALA A 172 13.14 -0.58 -6.57
C ALA A 172 13.99 -1.43 -7.52
N ASN A 173 13.98 -1.07 -8.80
CA ASN A 173 14.77 -1.75 -9.81
C ASN A 173 14.44 -3.23 -9.83
N VAL A 174 13.19 -3.56 -10.12
CA VAL A 174 12.77 -4.96 -10.08
C VAL A 174 12.39 -5.45 -11.47
N ASP A 175 12.54 -6.76 -11.63
CA ASP A 175 12.10 -7.46 -12.82
C ASP A 175 10.73 -8.03 -12.51
N PRO A 176 9.69 -7.53 -13.19
CA PRO A 176 8.33 -7.98 -12.86
C PRO A 176 8.17 -9.50 -13.00
N ARG A 177 8.93 -10.10 -13.91
CA ARG A 177 8.88 -11.55 -14.10
C ARG A 177 9.34 -12.31 -12.86
N ARG A 178 10.17 -11.67 -12.03
CA ARG A 178 10.76 -12.35 -10.86
C ARG A 178 10.19 -11.82 -9.56
N THR A 179 9.08 -11.11 -9.64
CA THR A 179 8.60 -10.37 -8.49
C THR A 179 7.16 -10.70 -8.15
N VAL A 180 6.88 -10.85 -6.86
CA VAL A 180 5.53 -11.08 -6.38
C VAL A 180 5.06 -9.85 -5.61
N PHE A 181 3.80 -9.49 -5.85
CA PHE A 181 3.20 -8.28 -5.27
C PHE A 181 2.05 -8.70 -4.35
N LEU A 182 2.15 -8.31 -3.08
CA LEU A 182 1.10 -8.61 -2.09
C LEU A 182 0.33 -7.39 -1.68
N ASP A 183 -0.99 -7.45 -1.81
CA ASP A 183 -1.83 -6.29 -1.52
C ASP A 183 -3.21 -6.78 -1.15
N ASP A 184 -3.91 -6.01 -0.32
CA ASP A 184 -5.24 -6.37 0.16
C ASP A 184 -6.35 -5.80 -0.70
N ASN A 185 -5.99 -4.94 -1.65
CA ASN A 185 -6.96 -4.28 -2.51
C ASN A 185 -7.03 -4.88 -3.93
N ILE A 186 -8.23 -5.24 -4.36
CA ILE A 186 -8.37 -5.97 -5.63
C ILE A 186 -7.96 -5.15 -6.87
N HIS A 187 -8.22 -3.84 -6.85
CA HIS A 187 -7.83 -2.99 -7.97
C HIS A 187 -6.32 -2.88 -8.07
N ASN A 188 -5.64 -2.82 -6.93
CA ASN A 188 -4.19 -2.81 -6.89
C ASN A 188 -3.62 -4.10 -7.45
N ILE A 189 -4.27 -5.21 -7.10
CA ILE A 189 -3.84 -6.51 -7.59
C ILE A 189 -4.01 -6.55 -9.12
N THR A 190 -5.13 -6.06 -9.63
CA THR A 190 -5.37 -6.02 -11.07
C THR A 190 -4.30 -5.18 -11.77
N ALA A 191 -3.96 -4.05 -11.18
CA ALA A 191 -2.93 -3.16 -11.73
C ALA A 191 -1.57 -3.86 -11.79
N GLY A 192 -1.18 -4.50 -10.68
CA GLY A 192 0.08 -5.24 -10.63
C GLY A 192 0.14 -6.38 -11.64
N LYS A 193 -0.98 -7.09 -11.79
CA LYS A 193 -1.03 -8.14 -12.80
C LYS A 193 -0.86 -7.54 -14.20
N SER A 194 -1.41 -6.34 -14.43
CA SER A 194 -1.35 -5.75 -15.76
C SER A 194 0.10 -5.43 -16.17
N VAL A 195 0.95 -5.09 -15.20
CA VAL A 195 2.35 -4.80 -15.52
C VAL A 195 3.26 -6.02 -15.36
N GLY A 196 2.66 -7.20 -15.22
CA GLY A 196 3.43 -8.42 -15.34
C GLY A 196 3.90 -9.04 -14.04
N LEU A 197 3.37 -8.55 -12.93
CA LEU A 197 3.79 -9.10 -11.64
C LEU A 197 3.00 -10.33 -11.27
N ARG A 198 3.61 -11.24 -10.50
CA ARG A 198 2.83 -12.27 -9.83
C ARG A 198 2.17 -11.60 -8.64
N THR A 199 0.99 -12.08 -8.28
CA THR A 199 0.17 -11.38 -7.28
C THR A 199 -0.42 -12.25 -6.19
N ILE A 200 -0.45 -11.70 -4.99
CA ILE A 200 -1.05 -12.36 -3.83
C ILE A 200 -2.06 -11.45 -3.18
N LEU A 201 -3.33 -11.82 -3.23
CA LEU A 201 -4.37 -11.05 -2.57
C LEU A 201 -4.35 -11.37 -1.09
N VAL A 202 -4.08 -10.38 -0.25
CA VAL A 202 -4.07 -10.57 1.20
C VAL A 202 -5.39 -10.15 1.84
N GLY A 203 -5.93 -11.02 2.69
CA GLY A 203 -7.12 -10.66 3.47
C GLY A 203 -8.38 -11.43 3.11
N ARG A 204 -8.26 -12.33 2.14
CA ARG A 204 -9.36 -13.18 1.69
C ARG A 204 -8.80 -14.53 1.28
N ALA A 205 -9.57 -15.59 1.43
CA ALA A 205 -9.10 -16.93 1.06
C ALA A 205 -9.34 -17.23 -0.42
N GLU A 206 -10.26 -16.49 -1.03
CA GLU A 206 -10.68 -16.75 -2.40
C GLU A 206 -10.00 -15.82 -3.41
N LYS A 207 -9.36 -16.39 -4.42
CA LYS A 207 -8.69 -15.60 -5.45
C LYS A 207 -9.64 -14.77 -6.30
N THR A 208 -9.20 -13.58 -6.71
CA THR A 208 -9.87 -12.86 -7.79
C THR A 208 -9.22 -13.31 -9.08
N LYS A 209 -9.73 -12.80 -10.20
CA LYS A 209 -9.25 -13.18 -11.51
C LYS A 209 -7.76 -12.88 -11.71
N ASP A 210 -7.31 -11.76 -11.17
CA ASP A 210 -5.95 -11.29 -11.34
C ASP A 210 -5.02 -11.70 -10.18
N ALA A 211 -5.53 -12.50 -9.26
CA ALA A 211 -4.73 -12.97 -8.12
C ALA A 211 -4.16 -14.36 -8.39
N ASP A 212 -2.85 -14.46 -8.41
CA ASP A 212 -2.23 -15.78 -8.53
C ASP A 212 -2.46 -16.60 -7.27
N TYR A 213 -2.54 -15.92 -6.13
CA TYR A 213 -2.74 -16.55 -4.84
C TYR A 213 -3.65 -15.66 -4.00
N ALA A 214 -4.24 -16.22 -2.95
CA ALA A 214 -4.99 -15.45 -1.98
C ALA A 214 -4.84 -16.08 -0.61
N VAL A 215 -4.54 -15.27 0.41
CA VAL A 215 -4.39 -15.77 1.77
C VAL A 215 -5.04 -14.78 2.72
N GLU A 216 -5.66 -15.28 3.79
CA GLU A 216 -6.35 -14.42 4.73
C GLU A 216 -5.34 -13.62 5.55
N THR A 217 -4.21 -14.24 5.84
CA THR A 217 -3.17 -13.59 6.61
C THR A 217 -1.84 -13.70 5.89
N VAL A 218 -1.05 -12.65 5.93
CA VAL A 218 0.15 -12.60 5.11
C VAL A 218 1.19 -13.66 5.52
N THR A 219 1.17 -14.10 6.78
CA THR A 219 2.12 -15.14 7.21
C THR A 219 1.86 -16.47 6.55
N GLU A 220 0.65 -16.65 6.00
CA GLU A 220 0.33 -17.92 5.34
C GLU A 220 1.15 -18.17 4.06
N ILE A 221 1.79 -17.14 3.51
CA ILE A 221 2.58 -17.37 2.29
C ILE A 221 3.73 -18.36 2.49
N ALA A 222 4.12 -18.58 3.75
CA ALA A 222 5.16 -19.56 4.07
C ALA A 222 4.82 -20.93 3.52
N THR A 223 3.53 -21.28 3.52
CA THR A 223 3.12 -22.57 3.01
C THR A 223 2.32 -22.44 1.72
N ALA A 224 1.66 -21.31 1.51
CA ALA A 224 0.80 -21.16 0.33
C ALA A 224 1.56 -20.89 -0.95
N VAL A 225 2.79 -20.39 -0.85
CA VAL A 225 3.59 -20.07 -2.01
C VAL A 225 4.97 -20.73 -1.86
N PRO A 226 5.04 -22.04 -2.14
CA PRO A 226 6.26 -22.78 -1.81
C PRO A 226 7.49 -22.36 -2.63
N GLU A 227 7.27 -21.73 -3.78
CA GLU A 227 8.38 -21.24 -4.60
C GLU A 227 9.24 -20.16 -3.91
N ILE A 228 8.70 -19.50 -2.89
CA ILE A 228 9.52 -18.57 -2.12
C ILE A 228 10.77 -19.23 -1.55
N TRP A 229 10.66 -20.53 -1.25
CA TRP A 229 11.74 -21.26 -0.62
C TRP A 229 12.67 -21.95 -1.63
N ALA A 230 12.30 -21.91 -2.90
CA ALA A 230 13.06 -22.52 -3.97
C ALA A 230 14.41 -21.81 -4.08
N THR A 231 15.47 -22.59 -4.30
CA THR A 231 16.82 -22.03 -4.32
C THR A 231 17.38 -21.87 -5.73
N ALA A 232 16.73 -22.48 -6.72
CA ALA A 232 17.19 -22.36 -8.11
C ALA A 232 17.20 -20.89 -8.50
N THR A 233 18.26 -20.48 -9.18
CA THR A 233 18.56 -19.07 -9.38
C THR A 233 18.10 -18.57 -10.75
N ALA A 234 17.82 -19.49 -11.66
CA ALA A 234 17.48 -19.11 -13.02
C ALA A 234 16.22 -19.83 -13.48
N THR A 235 15.55 -19.25 -14.47
CA THR A 235 14.32 -19.83 -15.00
C THR A 235 14.63 -21.10 -15.77
N GLY A 236 13.64 -21.99 -15.86
CA GLY A 236 13.80 -23.23 -16.60
C GLY A 236 12.49 -23.98 -16.79
N GLY A 237 12.49 -24.93 -17.72
CA GLY A 237 11.31 -25.72 -18.00
C GLY A 237 11.51 -27.17 -17.65
N PHE A 238 10.46 -27.97 -17.77
CA PHE A 238 10.54 -29.40 -17.47
C PHE A 238 9.80 -30.23 -18.51
#